data_6BTC
#
_entry.id   6BTC
#
_cell.length_a   97.033
_cell.length_b   97.033
_cell.length_c   127.794
_cell.angle_alpha   90.000
_cell.angle_beta   90.000
_cell.angle_gamma   120.000
#
_symmetry.space_group_name_H-M   'P 61 2 2'
#
loop_
_entity.id
_entity.type
_entity.pdbx_description
1 polymer 'LP1413 - SCCmec type IV-encoded DNA binding protein'
2 water water
#
_entity_poly.entity_id   1
_entity_poly.type   'polypeptide(L)'
_entity_poly.pdbx_seq_one_letter_code
;(MSE)NKKSKQQEKLYNFIIAKSFQQPVGSTFTYGELRKKYNVVCSTNDQREVGRRFAYWIKYTPGLPFKIVGTKNGSLL
YQKIGINPCNNSTPSKGGDC
;
_entity_poly.pdbx_strand_id   A,B
#
# COMPACT_ATOMS: atom_id res chain seq x y z
N ASN A 2 31.13 11.76 14.05
CA ASN A 2 32.22 10.83 14.35
C ASN A 2 31.70 9.60 15.09
N LYS A 3 31.07 9.80 16.25
CA LYS A 3 30.61 8.68 17.06
C LYS A 3 29.37 8.04 16.45
N LYS A 4 29.28 6.72 16.56
CA LYS A 4 28.15 6.00 15.98
C LYS A 4 28.12 4.57 16.51
N SER A 5 26.93 3.96 16.42
CA SER A 5 26.71 2.59 16.84
C SER A 5 26.96 1.66 15.65
N LYS A 6 28.00 0.83 15.74
CA LYS A 6 28.30 -0.12 14.68
C LYS A 6 27.12 -1.04 14.40
N GLN A 7 26.39 -1.42 15.45
CA GLN A 7 25.27 -2.35 15.30
C GLN A 7 24.14 -1.75 14.49
N GLN A 8 23.82 -0.47 14.73
CA GLN A 8 22.72 0.16 14.01
C GLN A 8 23.12 0.49 12.58
N GLU A 9 24.37 0.88 12.35
CA GLU A 9 24.84 1.08 10.98
C GLU A 9 24.63 -0.17 10.15
N LYS A 10 24.88 -1.35 10.74
CA LYS A 10 24.79 -2.59 9.98
C LYS A 10 23.33 -2.90 9.63
N LEU A 11 22.45 -2.82 10.62
CA LEU A 11 21.03 -3.04 10.35
C LEU A 11 20.49 -2.02 9.36
N TYR A 12 20.87 -0.75 9.49
CA TYR A 12 20.39 0.29 8.59
C TYR A 12 20.87 0.04 7.16
N ASN A 13 22.16 -0.22 6.98
CA ASN A 13 22.65 -0.55 5.64
C ASN A 13 21.85 -1.68 5.01
N PHE A 14 21.42 -2.65 5.83
CA PHE A 14 20.66 -3.78 5.31
C PHE A 14 19.26 -3.35 4.93
N ILE A 15 18.59 -2.61 5.80
CA ILE A 15 17.23 -2.18 5.54
C ILE A 15 17.18 -1.37 4.24
N ILE A 16 18.15 -0.48 4.04
CA ILE A 16 18.19 0.35 2.84
C ILE A 16 18.28 -0.53 1.61
N ALA A 17 19.29 -1.41 1.58
CA ALA A 17 19.48 -2.30 0.44
C ALA A 17 18.23 -3.15 0.20
N LYS A 18 17.68 -3.72 1.26
CA LYS A 18 16.51 -4.56 1.12
C LYS A 18 15.31 -3.77 0.58
N SER A 19 15.18 -2.49 0.93
CA SER A 19 14.08 -1.69 0.38
C SER A 19 14.25 -1.50 -1.12
N PHE A 20 15.46 -1.22 -1.59
CA PHE A 20 15.68 -1.04 -3.02
C PHE A 20 15.44 -2.33 -3.79
N GLN A 21 15.67 -3.49 -3.17
CA GLN A 21 15.47 -4.78 -3.83
C GLN A 21 14.01 -5.15 -3.97
N GLN A 22 13.13 -4.48 -3.25
CA GLN A 22 11.71 -4.72 -3.44
C GLN A 22 11.35 -4.59 -4.92
N PRO A 23 10.52 -5.49 -5.45
CA PRO A 23 10.06 -5.33 -6.84
C PRO A 23 9.07 -4.20 -6.97
N VAL A 24 9.07 -3.58 -8.15
CA VAL A 24 8.16 -2.48 -8.44
C VAL A 24 6.73 -2.89 -8.11
N GLY A 25 5.98 -1.96 -7.53
CA GLY A 25 4.62 -2.19 -7.10
C GLY A 25 4.45 -2.83 -5.74
N SER A 26 5.44 -3.54 -5.25
CA SER A 26 5.26 -4.23 -3.96
C SER A 26 5.12 -3.23 -2.82
N THR A 27 4.27 -3.58 -1.85
CA THR A 27 4.13 -2.81 -0.62
C THR A 27 4.89 -3.50 0.51
N PHE A 28 5.34 -2.71 1.49
CA PHE A 28 6.11 -3.24 2.60
C PHE A 28 6.13 -2.23 3.75
N THR A 29 6.37 -2.76 4.94
CA THR A 29 6.64 -1.98 6.14
C THR A 29 8.07 -2.19 6.61
N TYR A 30 8.50 -1.31 7.52
CA TYR A 30 9.82 -1.46 8.11
C TYR A 30 9.97 -2.80 8.82
N GLY A 31 8.95 -3.20 9.59
CA GLY A 31 9.04 -4.43 10.35
C GLY A 31 9.13 -5.67 9.48
N GLU A 32 8.50 -5.64 8.30
CA GLU A 32 8.63 -6.77 7.38
C GLU A 32 10.06 -6.91 6.89
N LEU A 33 10.73 -5.79 6.60
CA LEU A 33 12.12 -5.86 6.18
C LEU A 33 13.03 -6.22 7.35
N ARG A 34 12.71 -5.71 8.53
CA ARG A 34 13.55 -5.92 9.71
C ARG A 34 13.60 -7.41 10.08
N LYS A 35 12.46 -8.10 9.99
CA LYS A 35 12.37 -9.50 10.38
C LYS A 35 13.18 -10.40 9.47
N LYS A 36 13.64 -9.92 8.34
CA LYS A 36 14.51 -10.69 7.46
C LYS A 36 15.98 -10.52 7.79
N TYR A 37 16.30 -9.67 8.77
CA TYR A 37 17.70 -9.48 9.17
C TYR A 37 18.15 -10.69 9.98
N ASN A 38 19.32 -11.23 9.64
CA ASN A 38 19.75 -12.49 10.23
C ASN A 38 20.32 -12.31 11.63
N VAL A 39 20.88 -11.17 11.93
CA VAL A 39 21.53 -10.92 13.21
C VAL A 39 20.49 -10.47 14.22
N VAL A 40 20.70 -10.88 15.46
CA VAL A 40 19.88 -10.43 16.58
C VAL A 40 20.32 -9.03 16.95
N CYS A 41 19.36 -8.18 17.31
CA CYS A 41 19.70 -6.87 17.85
C CYS A 41 18.62 -6.43 18.82
N SER A 42 19.00 -5.53 19.72
CA SER A 42 18.09 -5.09 20.77
C SER A 42 16.87 -4.40 20.18
N THR A 43 15.80 -4.38 20.97
CA THR A 43 14.66 -3.55 20.63
C THR A 43 15.08 -2.10 20.46
N ASN A 44 16.03 -1.64 21.28
CA ASN A 44 16.46 -0.26 21.18
C ASN A 44 17.09 0.02 19.82
N ASP A 45 17.96 -0.89 19.35
CA ASP A 45 18.60 -0.71 18.06
C ASP A 45 17.60 -0.85 16.91
N GLN A 46 16.54 -1.63 17.11
CA GLN A 46 15.52 -1.78 16.07
C GLN A 46 14.77 -0.48 15.88
N ARG A 47 14.36 0.15 16.98
CA ARG A 47 13.54 1.36 16.89
C ARG A 47 14.36 2.55 16.39
N GLU A 48 15.61 2.67 16.82
CA GLU A 48 16.45 3.75 16.29
C GLU A 48 16.57 3.65 14.77
N VAL A 49 16.82 2.45 14.26
CA VAL A 49 16.97 2.28 12.81
C VAL A 49 15.64 2.53 12.13
N GLY A 50 14.54 2.06 12.72
CA GLY A 50 13.23 2.32 12.15
C GLY A 50 13.00 3.79 11.90
N ARG A 51 13.35 4.63 12.88
CA ARG A 51 13.10 6.06 12.74
C ARG A 51 14.07 6.69 11.76
N ARG A 52 15.34 6.29 11.78
CA ARG A 52 16.25 6.82 10.78
C ARG A 52 15.82 6.41 9.38
N PHE A 53 15.14 5.26 9.26
CA PHE A 53 14.66 4.79 7.97
C PHE A 53 13.42 5.57 7.53
N ALA A 54 12.48 5.76 8.45
CA ALA A 54 11.25 6.46 8.14
C ALA A 54 11.52 7.88 7.66
N TYR A 55 12.62 8.51 8.11
CA TYR A 55 12.90 9.88 7.72
C TYR A 55 13.81 9.95 6.51
N TRP A 56 14.69 8.96 6.33
CA TRP A 56 15.44 8.84 5.09
C TRP A 56 14.49 8.75 3.90
N ILE A 57 13.46 7.92 4.03
CA ILE A 57 12.61 7.59 2.91
C ILE A 57 11.65 8.75 2.63
N LYS A 58 11.28 9.49 3.66
CA LYS A 58 10.29 10.54 3.52
C LYS A 58 10.86 11.88 3.10
N TYR A 59 12.18 12.10 3.24
CA TYR A 59 12.77 13.41 3.02
C TYR A 59 13.99 13.38 2.12
N THR A 60 14.41 12.21 1.67
CA THR A 60 15.46 12.13 0.66
C THR A 60 14.80 12.14 -0.71
N PRO A 61 15.14 13.08 -1.59
CA PRO A 61 14.41 13.19 -2.85
C PRO A 61 14.89 12.20 -3.89
N GLY A 62 13.98 11.84 -4.79
CA GLY A 62 14.33 10.98 -5.88
C GLY A 62 14.40 9.50 -5.54
N LEU A 63 13.94 9.11 -4.36
CA LEU A 63 13.93 7.70 -4.01
C LEU A 63 12.72 7.01 -4.64
N PRO A 64 12.85 5.75 -5.04
CA PRO A 64 11.75 5.05 -5.72
C PRO A 64 10.77 4.44 -4.73
N PHE A 65 10.23 5.27 -3.84
CA PHE A 65 9.29 4.82 -2.82
C PHE A 65 8.25 5.90 -2.60
N LYS A 66 7.07 5.49 -2.16
CA LYS A 66 6.10 6.44 -1.65
C LYS A 66 5.28 5.75 -0.57
N ILE A 67 4.60 6.58 0.22
CA ILE A 67 3.71 6.11 1.28
C ILE A 67 2.32 5.94 0.69
N VAL A 68 1.68 4.81 0.98
CA VAL A 68 0.38 4.48 0.39
C VAL A 68 -0.70 4.28 1.42
N GLY A 69 -0.37 4.20 2.70
CA GLY A 69 -1.36 3.90 3.73
C GLY A 69 -0.67 3.40 4.99
N THR A 70 -1.39 2.57 5.72
CA THR A 70 -0.83 1.96 6.92
C THR A 70 -1.19 0.49 6.93
N LYS A 71 -0.41 -0.28 7.70
CA LYS A 71 -0.63 -1.71 7.85
C LYS A 71 -0.17 -2.12 9.25
N ASN A 72 -1.10 -2.60 10.06
CA ASN A 72 -0.78 -3.01 11.43
C ASN A 72 -0.17 -1.85 12.21
N GLY A 73 -0.77 -0.67 12.07
CA GLY A 73 -0.31 0.51 12.79
C GLY A 73 1.00 1.09 12.32
N SER A 74 1.62 0.52 11.30
CA SER A 74 2.85 1.06 10.75
C SER A 74 2.57 1.72 9.40
N LEU A 75 3.50 2.55 8.97
CA LEU A 75 3.40 3.13 7.63
C LEU A 75 3.60 2.03 6.60
N LEU A 76 2.76 2.07 5.56
CA LEU A 76 2.88 1.16 4.42
C LEU A 76 3.54 1.89 3.26
N TYR A 77 4.68 1.38 2.81
CA TYR A 77 5.40 1.93 1.68
C TYR A 77 5.14 1.09 0.42
N GLN A 78 5.46 1.69 -0.73
CA GLN A 78 5.40 1.00 -2.00
C GLN A 78 6.61 1.37 -2.82
N LYS A 79 7.31 0.36 -3.32
CA LYS A 79 8.34 0.56 -4.33
C LYS A 79 7.67 0.94 -5.66
N ILE A 80 8.13 2.03 -6.27
CA ILE A 80 7.53 2.54 -7.49
C ILE A 80 8.60 2.52 -8.58
N GLY A 81 8.15 2.80 -9.79
CA GLY A 81 9.00 2.62 -10.93
C GLY A 81 10.01 3.74 -11.07
N ILE A 82 11.17 3.35 -11.60
CA ILE A 82 12.36 4.18 -11.58
C ILE A 82 12.65 4.85 -12.94
N ASN A 83 12.12 4.32 -14.04
CA ASN A 83 12.62 4.58 -15.38
C ASN A 83 11.46 4.92 -16.32
N PRO A 84 10.89 6.12 -16.20
CA PRO A 84 9.71 6.45 -17.00
C PRO A 84 10.02 6.54 -18.49
N CYS A 85 8.99 6.27 -19.30
CA CYS A 85 9.06 6.34 -20.77
C CYS A 85 9.92 5.21 -21.34
N SER B 5 -32.88 -1.09 -6.95
CA SER B 5 -32.60 0.31 -7.25
C SER B 5 -31.70 0.45 -8.48
N LYS B 6 -32.25 1.02 -9.54
CA LYS B 6 -31.50 1.16 -10.80
C LYS B 6 -30.27 2.03 -10.61
N GLN B 7 -30.31 2.99 -9.69
CA GLN B 7 -29.19 3.90 -9.52
C GLN B 7 -28.01 3.23 -8.82
N GLN B 8 -28.29 2.38 -7.83
CA GLN B 8 -27.22 1.62 -7.19
C GLN B 8 -26.58 0.65 -8.18
N GLU B 9 -27.39 -0.01 -9.02
CA GLU B 9 -26.84 -0.95 -9.99
C GLU B 9 -25.85 -0.26 -10.92
N LYS B 10 -26.21 0.91 -11.46
CA LYS B 10 -25.31 1.59 -12.38
C LYS B 10 -24.01 1.97 -11.69
N LEU B 11 -24.09 2.46 -10.45
CA LEU B 11 -22.88 2.81 -9.74
C LEU B 11 -22.03 1.58 -9.49
N TYR B 12 -22.66 0.48 -9.08
CA TYR B 12 -21.94 -0.76 -8.79
C TYR B 12 -21.20 -1.28 -10.02
N ASN B 13 -21.88 -1.30 -11.17
CA ASN B 13 -21.22 -1.74 -12.39
C ASN B 13 -20.05 -0.84 -12.74
N PHE B 14 -20.22 0.48 -12.55
CA PHE B 14 -19.12 1.40 -12.78
C PHE B 14 -17.94 1.09 -11.86
N ILE B 15 -18.22 0.89 -10.56
CA ILE B 15 -17.14 0.64 -9.60
C ILE B 15 -16.38 -0.62 -9.98
N ILE B 16 -17.11 -1.72 -10.22
CA ILE B 16 -16.51 -2.98 -10.65
C ILE B 16 -15.62 -2.75 -11.85
N ALA B 17 -16.16 -2.07 -12.86
CA ALA B 17 -15.39 -1.86 -14.08
C ALA B 17 -14.14 -1.03 -13.80
N LYS B 18 -14.26 -0.02 -12.94
CA LYS B 18 -13.09 0.80 -12.63
C LYS B 18 -12.04 0.00 -11.87
N SER B 19 -12.46 -1.00 -11.08
CA SER B 19 -11.48 -1.77 -10.32
C SER B 19 -10.55 -2.55 -11.24
N PHE B 20 -11.09 -3.11 -12.32
CA PHE B 20 -10.26 -3.87 -13.26
C PHE B 20 -9.38 -2.97 -14.12
N GLN B 21 -9.80 -1.71 -14.33
CA GLN B 21 -8.96 -0.72 -15.01
C GLN B 21 -7.72 -0.37 -14.20
N GLN B 22 -7.69 -0.63 -12.91
CA GLN B 22 -6.51 -0.30 -12.13
C GLN B 22 -5.30 -1.04 -12.67
N PRO B 23 -4.18 -0.36 -12.91
CA PRO B 23 -3.00 -1.07 -13.42
C PRO B 23 -2.45 -2.04 -12.38
N VAL B 24 -1.77 -3.07 -12.86
CA VAL B 24 -1.18 -4.05 -11.97
C VAL B 24 -0.21 -3.34 -11.04
N GLY B 25 -0.28 -3.66 -9.75
CA GLY B 25 0.53 -3.03 -8.73
C GLY B 25 -0.08 -1.81 -8.11
N SER B 26 -1.07 -1.20 -8.73
CA SER B 26 -1.65 0.01 -8.16
C SER B 26 -2.54 -0.33 -6.98
N THR B 27 -2.54 0.55 -5.97
CA THR B 27 -3.40 0.43 -4.81
C THR B 27 -4.55 1.43 -4.91
N PHE B 28 -5.66 1.10 -4.24
CA PHE B 28 -6.86 1.91 -4.33
C PHE B 28 -7.81 1.55 -3.20
N THR B 29 -8.69 2.50 -2.89
CA THR B 29 -9.81 2.30 -1.99
C THR B 29 -11.10 2.42 -2.79
N TYR B 30 -12.20 2.00 -2.15
CA TYR B 30 -13.51 2.20 -2.75
C TYR B 30 -13.79 3.68 -2.95
N GLY B 31 -13.45 4.51 -1.96
CA GLY B 31 -13.69 5.94 -2.07
C GLY B 31 -13.02 6.54 -3.29
N GLU B 32 -11.78 6.14 -3.56
CA GLU B 32 -11.08 6.68 -4.71
C GLU B 32 -11.82 6.33 -6.00
N LEU B 33 -12.39 5.14 -6.08
CA LEU B 33 -13.14 4.79 -7.29
C LEU B 33 -14.46 5.54 -7.34
N ARG B 34 -15.15 5.63 -6.20
CA ARG B 34 -16.42 6.35 -6.11
C ARG B 34 -16.30 7.79 -6.59
N LYS B 35 -15.15 8.44 -6.32
CA LYS B 35 -15.01 9.85 -6.64
C LYS B 35 -14.93 10.10 -8.14
N LYS B 36 -14.53 9.11 -8.92
CA LYS B 36 -14.51 9.23 -10.36
C LYS B 36 -15.91 9.28 -10.95
N TYR B 37 -16.93 8.86 -10.19
CA TYR B 37 -18.30 8.84 -10.65
C TYR B 37 -18.90 10.24 -10.52
N ASN B 38 -19.34 10.81 -11.64
CA ASN B 38 -19.92 12.15 -11.62
C ASN B 38 -21.42 12.14 -11.97
N VAL B 39 -22.09 10.98 -11.85
CA VAL B 39 -23.52 10.88 -12.09
C VAL B 39 -24.23 10.97 -10.75
N VAL B 40 -25.43 11.54 -10.76
CA VAL B 40 -26.15 11.79 -9.52
C VAL B 40 -26.48 10.48 -8.84
N CYS B 41 -26.32 10.45 -7.51
CA CYS B 41 -26.76 9.33 -6.69
C CYS B 41 -26.66 9.75 -5.23
N SER B 42 -27.56 9.21 -4.42
CA SER B 42 -27.64 9.59 -3.02
C SER B 42 -26.44 9.07 -2.23
N THR B 43 -26.22 9.69 -1.08
CA THR B 43 -25.24 9.16 -0.13
C THR B 43 -25.56 7.72 0.25
N ASN B 44 -26.85 7.43 0.44
CA ASN B 44 -27.24 6.06 0.78
C ASN B 44 -26.78 5.09 -0.30
N ASP B 45 -27.04 5.41 -1.57
CA ASP B 45 -26.62 4.55 -2.66
C ASP B 45 -25.11 4.33 -2.64
N GLN B 46 -24.34 5.40 -2.42
CA GLN B 46 -22.88 5.28 -2.37
C GLN B 46 -22.46 4.31 -1.27
N ARG B 47 -23.05 4.44 -0.08
CA ARG B 47 -22.66 3.58 1.04
C ARG B 47 -23.04 2.12 0.78
N GLU B 48 -24.22 1.87 0.20
CA GLU B 48 -24.60 0.49 -0.07
C GLU B 48 -23.64 -0.16 -1.07
N VAL B 49 -23.35 0.54 -2.17
CA VAL B 49 -22.41 -0.01 -3.15
C VAL B 49 -21.05 -0.23 -2.53
N GLY B 50 -20.65 0.64 -1.59
CA GLY B 50 -19.39 0.44 -0.91
C GLY B 50 -19.34 -0.90 -0.18
N ARG B 51 -20.45 -1.28 0.43
CA ARG B 51 -20.49 -2.53 1.19
C ARG B 51 -20.61 -3.72 0.26
N ARG B 52 -21.46 -3.61 -0.75
CA ARG B 52 -21.59 -4.66 -1.75
C ARG B 52 -20.26 -4.89 -2.46
N PHE B 53 -19.53 -3.81 -2.79
CA PHE B 53 -18.24 -3.94 -3.47
C PHE B 53 -17.21 -4.62 -2.57
N ALA B 54 -17.18 -4.27 -1.28
CA ALA B 54 -16.22 -4.88 -0.38
C ALA B 54 -16.39 -6.39 -0.28
N TYR B 55 -17.64 -6.87 -0.34
CA TYR B 55 -17.89 -8.30 -0.25
C TYR B 55 -17.64 -8.98 -1.59
N TRP B 56 -18.01 -8.32 -2.68
CA TRP B 56 -17.68 -8.86 -4.00
C TRP B 56 -16.18 -9.04 -4.16
N ILE B 57 -15.40 -8.02 -3.81
CA ILE B 57 -13.99 -8.06 -4.17
C ILE B 57 -13.27 -9.07 -3.29
N LYS B 58 -13.73 -9.27 -2.06
CA LYS B 58 -13.03 -10.15 -1.14
C LYS B 58 -13.42 -11.62 -1.32
N TYR B 59 -14.65 -11.91 -1.72
CA TYR B 59 -15.18 -13.27 -1.65
C TYR B 59 -15.47 -13.89 -3.01
N THR B 60 -15.30 -13.16 -4.09
CA THR B 60 -15.45 -13.74 -5.41
C THR B 60 -14.16 -14.48 -5.77
N PRO B 61 -14.22 -15.78 -6.07
CA PRO B 61 -12.98 -16.53 -6.31
C PRO B 61 -12.29 -16.09 -7.59
N GLY B 62 -10.97 -15.98 -7.52
CA GLY B 62 -10.14 -15.77 -8.69
C GLY B 62 -9.86 -14.33 -9.07
N LEU B 63 -10.37 -13.35 -8.33
CA LEU B 63 -10.17 -11.96 -8.70
C LEU B 63 -8.72 -11.55 -8.53
N PRO B 64 -8.20 -10.66 -9.38
CA PRO B 64 -6.80 -10.23 -9.30
C PRO B 64 -6.58 -9.09 -8.31
N PHE B 65 -7.07 -9.27 -7.09
CA PHE B 65 -6.96 -8.24 -6.06
C PHE B 65 -6.58 -8.88 -4.74
N LYS B 66 -5.93 -8.08 -3.89
CA LYS B 66 -5.81 -8.42 -2.49
C LYS B 66 -5.89 -7.15 -1.64
N ILE B 67 -5.99 -7.36 -0.32
CA ILE B 67 -5.97 -6.31 0.66
C ILE B 67 -4.56 -6.14 1.19
N VAL B 68 -4.02 -4.93 1.12
CA VAL B 68 -2.64 -4.67 1.54
C VAL B 68 -2.55 -3.82 2.79
N GLY B 69 -3.64 -3.22 3.25
CA GLY B 69 -3.62 -2.38 4.45
C GLY B 69 -4.86 -1.51 4.52
N THR B 70 -4.66 -0.33 5.08
CA THR B 70 -5.74 0.65 5.18
C THR B 70 -5.22 2.01 4.77
N LYS B 71 -6.15 2.90 4.46
CA LYS B 71 -5.83 4.26 4.07
C LYS B 71 -7.02 5.13 4.40
N ASN B 72 -6.81 6.17 5.21
CA ASN B 72 -7.88 7.07 5.65
C ASN B 72 -9.05 6.29 6.23
N GLY B 73 -8.74 5.25 7.02
CA GLY B 73 -9.77 4.47 7.67
C GLY B 73 -10.47 3.45 6.79
N SER B 74 -10.12 3.35 5.52
CA SER B 74 -10.75 2.40 4.62
C SER B 74 -9.78 1.31 4.22
N LEU B 75 -10.32 0.16 3.80
CA LEU B 75 -9.50 -0.90 3.26
C LEU B 75 -8.79 -0.43 2.00
N LEU B 76 -7.51 -0.75 1.91
CA LEU B 76 -6.68 -0.46 0.75
C LEU B 76 -6.46 -1.74 -0.05
N TYR B 77 -6.88 -1.73 -1.31
CA TYR B 77 -6.71 -2.87 -2.19
C TYR B 77 -5.55 -2.67 -3.15
N GLN B 78 -5.11 -3.77 -3.74
CA GLN B 78 -4.07 -3.75 -4.76
C GLN B 78 -4.47 -4.67 -5.91
N LYS B 79 -4.31 -4.18 -7.13
CA LYS B 79 -4.45 -5.01 -8.32
C LYS B 79 -3.20 -5.86 -8.44
N ILE B 80 -3.36 -7.17 -8.46
CA ILE B 80 -2.22 -8.07 -8.52
C ILE B 80 -2.22 -8.76 -9.87
N GLY B 81 -1.25 -9.64 -10.08
CA GLY B 81 -1.07 -10.32 -11.34
C GLY B 81 0.41 -10.31 -11.68
N ILE B 82 0.73 -10.42 -12.97
CA ILE B 82 2.11 -10.30 -13.42
C ILE B 82 2.19 -9.11 -14.37
N ASN B 83 3.28 -8.35 -14.26
CA ASN B 83 3.53 -7.22 -15.16
C ASN B 83 5.00 -7.17 -15.52
#